data_8PY0
#
_entry.id   8PY0
#
_cell.length_a   58.379
_cell.length_b   58.379
_cell.length_c   156.462
_cell.angle_alpha   90.00
_cell.angle_beta   90.00
_cell.angle_gamma   120.00
#
_symmetry.space_group_name_H-M   'P 31 2 1'
#
loop_
_entity.id
_entity.type
_entity.pdbx_description
1 polymer 'Ligand Binding domain (LBD) Chemoreceptor'
2 non-polymer 'FORMIC ACID'
3 non-polymer 'SODIUM ION'
4 water water
#
_entity_poly.entity_id   1
_entity_poly.type   'polypeptide(L)'
_entity_poly.pdbx_seq_one_letter_code
;MGSSHHHHHHSSGLVPRGSHMQSFRVTNNIVDMQVQDTLKGAANMLGLYLEEQFGPLSLNVAGNLVDVDGRPIEGENDYI
DRLSQSMNVVATVFAKNGNDYIRTLTTIKDDNGERVVGTALDSSGDAYRTLNAGGTYFGEATILGSAYMTGYVPLLDRTG
QAIGACFVGVSIESVNAILNEGMASAIR
;
_entity_poly.pdbx_strand_id   A,B
#
# COMPACT_ATOMS: atom_id res chain seq x y z
N VAL A 26 13.54 -12.79 31.20
CA VAL A 26 14.88 -12.23 30.99
C VAL A 26 15.26 -12.31 29.52
N THR A 27 15.22 -13.53 28.96
CA THR A 27 15.59 -13.71 27.56
C THR A 27 14.62 -13.01 26.63
N ASN A 28 13.33 -12.95 27.00
CA ASN A 28 12.37 -12.21 26.18
C ASN A 28 12.71 -10.73 26.14
N ASN A 29 13.04 -10.15 27.31
CA ASN A 29 13.43 -8.75 27.35
C ASN A 29 14.72 -8.52 26.57
N ILE A 30 15.63 -9.49 26.64
CA ILE A 30 16.89 -9.39 25.90
C ILE A 30 16.62 -9.37 24.40
N VAL A 31 15.72 -10.25 23.95
CA VAL A 31 15.37 -10.30 22.52
C VAL A 31 14.74 -8.98 22.10
N ASP A 32 13.84 -8.44 22.93
CA ASP A 32 13.20 -7.18 22.60
C ASP A 32 14.22 -6.06 22.51
N MET A 33 15.17 -6.03 23.45
CA MET A 33 16.20 -5.01 23.42
C MET A 33 17.15 -5.20 22.25
N GLN A 34 17.43 -6.46 21.86
CA GLN A 34 18.26 -6.73 20.70
C GLN A 34 17.61 -6.20 19.42
N VAL A 35 16.32 -6.49 19.25
CA VAL A 35 15.61 -5.99 18.09
C VAL A 35 15.72 -4.48 18.03
N GLN A 36 15.44 -3.81 19.15
CA GLN A 36 15.47 -2.34 19.15
CA GLN A 36 15.47 -2.35 19.16
C GLN A 36 16.87 -1.82 18.87
N ASP A 37 17.90 -2.43 19.46
CA ASP A 37 19.26 -2.00 19.18
C ASP A 37 19.64 -2.26 17.73
N THR A 38 19.23 -3.41 17.19
CA THR A 38 19.47 -3.69 15.78
C THR A 38 18.87 -2.59 14.90
N LEU A 39 17.61 -2.23 15.18
CA LEU A 39 16.93 -1.24 14.35
C LEU A 39 17.58 0.14 14.48
N LYS A 40 17.92 0.56 15.69
CA LYS A 40 18.63 1.82 15.87
C LYS A 40 19.91 1.87 15.07
N GLY A 41 20.75 0.84 15.22
CA GLY A 41 21.97 0.76 14.42
C GLY A 41 21.69 0.72 12.93
N ALA A 42 20.78 -0.16 12.50
CA ALA A 42 20.58 -0.36 11.07
C ALA A 42 19.95 0.87 10.40
N ALA A 43 19.09 1.60 11.12
CA ALA A 43 18.44 2.75 10.51
C ALA A 43 19.46 3.82 10.17
N ASN A 44 20.46 4.00 11.03
CA ASN A 44 21.51 4.99 10.80
C ASN A 44 22.55 4.47 9.82
N MET A 45 22.82 3.17 9.86
CA MET A 45 23.68 2.58 8.84
C MET A 45 23.10 2.74 7.45
N LEU A 46 21.78 2.59 7.29
CA LEU A 46 21.18 2.77 5.98
C LEU A 46 21.45 4.16 5.41
N GLY A 47 21.31 5.20 6.24
CA GLY A 47 21.63 6.53 5.79
C GLY A 47 23.08 6.69 5.39
N LEU A 48 23.97 6.04 6.14
CA LEU A 48 25.39 6.07 5.81
C LEU A 48 25.67 5.30 4.53
N TYR A 49 25.00 4.15 4.34
CA TYR A 49 25.17 3.39 3.12
C TYR A 49 24.74 4.18 1.89
N LEU A 50 23.62 4.90 1.99
CA LEU A 50 23.17 5.72 0.87
C LEU A 50 24.17 6.82 0.55
N GLU A 51 24.75 7.44 1.59
CA GLU A 51 25.78 8.45 1.37
C GLU A 51 27.00 7.85 0.66
N GLU A 52 27.40 6.63 1.05
CA GLU A 52 28.51 5.97 0.38
C GLU A 52 28.16 5.63 -1.06
N GLN A 53 26.97 5.08 -1.28
CA GLN A 53 26.57 4.63 -2.61
C GLN A 53 26.34 5.81 -3.55
N PHE A 54 25.58 6.80 -3.11
CA PHE A 54 25.09 7.84 -4.01
C PHE A 54 25.65 9.22 -3.72
N GLY A 55 26.12 9.47 -2.51
CA GLY A 55 26.36 10.82 -2.07
C GLY A 55 25.05 11.47 -1.68
N PRO A 56 25.02 12.80 -1.65
CA PRO A 56 23.77 13.50 -1.33
C PRO A 56 22.71 13.27 -2.40
N LEU A 57 21.48 13.04 -1.96
CA LEU A 57 20.36 12.74 -2.83
C LEU A 57 19.45 13.96 -2.97
N SER A 58 18.65 13.96 -4.04
CA SER A 58 17.67 15.01 -4.26
CA SER A 58 17.70 15.02 -4.32
C SER A 58 16.49 14.41 -5.03
N LEU A 59 15.48 15.25 -5.27
CA LEU A 59 14.31 14.86 -6.04
C LEU A 59 14.35 15.60 -7.39
N ASN A 60 14.04 14.88 -8.46
CA ASN A 60 13.95 15.55 -9.75
C ASN A 60 12.53 16.08 -9.95
N VAL A 61 12.28 16.68 -11.13
CA VAL A 61 10.98 17.28 -11.40
C VAL A 61 9.87 16.23 -11.28
N ALA A 62 10.14 15.00 -11.71
CA ALA A 62 9.16 13.94 -11.67
C ALA A 62 8.93 13.38 -10.26
N GLY A 63 9.69 13.83 -9.28
CA GLY A 63 9.54 13.33 -7.92
C GLY A 63 10.27 12.05 -7.63
N ASN A 64 11.30 11.72 -8.39
CA ASN A 64 12.11 10.54 -8.17
C ASN A 64 13.42 10.92 -7.49
N LEU A 65 13.92 10.03 -6.63
CA LEU A 65 15.20 10.24 -5.98
C LEU A 65 16.34 10.09 -6.98
N VAL A 66 17.26 11.05 -6.99
CA VAL A 66 18.38 11.08 -7.91
C VAL A 66 19.65 11.44 -7.14
N ASP A 67 20.79 11.06 -7.71
CA ASP A 67 22.08 11.46 -7.16
C ASP A 67 22.44 12.87 -7.63
N VAL A 68 23.69 13.28 -7.42
CA VAL A 68 24.10 14.64 -7.79
C VAL A 68 23.99 14.85 -9.29
N ASP A 69 24.29 13.81 -10.08
CA ASP A 69 24.28 13.91 -11.52
C ASP A 69 22.87 13.95 -12.10
N GLY A 70 21.85 13.75 -11.28
CA GLY A 70 20.49 13.58 -11.78
C GLY A 70 20.15 12.17 -12.17
N ARG A 71 21.01 11.21 -11.87
N ARG A 71 21.01 11.20 -11.88
CA ARG A 71 20.73 9.81 -12.19
CA ARG A 71 20.73 9.81 -12.19
C ARG A 71 19.80 9.22 -11.14
C ARG A 71 19.80 9.22 -11.14
N PRO A 72 18.67 8.64 -11.55
CA PRO A 72 17.76 8.04 -10.56
C PRO A 72 18.41 6.83 -9.89
N ILE A 73 17.99 6.57 -8.64
CA ILE A 73 18.56 5.47 -7.88
C ILE A 73 17.74 4.18 -7.98
N GLU A 74 16.54 4.23 -8.58
N GLU A 74 16.56 4.24 -8.61
CA GLU A 74 15.69 3.05 -8.57
CA GLU A 74 15.70 3.08 -8.80
C GLU A 74 16.37 1.89 -9.26
C GLU A 74 16.49 1.86 -9.27
N GLY A 75 16.17 0.69 -8.70
CA GLY A 75 16.78 -0.53 -9.13
C GLY A 75 18.22 -0.75 -8.69
N GLU A 76 18.81 0.19 -7.94
CA GLU A 76 20.20 0.06 -7.49
C GLU A 76 20.19 -0.36 -6.02
N ASN A 77 19.93 -1.65 -5.81
CA ASN A 77 19.62 -2.18 -4.49
C ASN A 77 20.82 -2.83 -3.78
N ASP A 78 22.02 -2.75 -4.36
CA ASP A 78 23.17 -3.51 -3.82
C ASP A 78 23.42 -3.18 -2.36
N TYR A 79 23.49 -1.89 -2.00
CA TYR A 79 23.80 -1.53 -0.62
C TYR A 79 22.66 -1.87 0.33
N ILE A 80 21.42 -1.60 -0.05
CA ILE A 80 20.33 -1.91 0.85
C ILE A 80 20.19 -3.42 1.04
N ASP A 81 20.48 -4.20 -0.01
CA ASP A 81 20.47 -5.65 0.14
C ASP A 81 21.57 -6.10 1.09
N ARG A 82 22.76 -5.49 0.99
N ARG A 82 22.76 -5.50 0.98
CA ARG A 82 23.85 -5.83 1.88
CA ARG A 82 23.86 -5.83 1.89
C ARG A 82 23.51 -5.49 3.33
C ARG A 82 23.52 -5.48 3.33
N LEU A 83 22.95 -4.30 3.55
CA LEU A 83 22.52 -3.93 4.90
C LEU A 83 21.50 -4.92 5.45
N SER A 84 20.53 -5.31 4.62
CA SER A 84 19.52 -6.26 5.05
CA SER A 84 19.52 -6.25 5.07
C SER A 84 20.15 -7.59 5.46
N GLN A 85 21.10 -8.08 4.66
CA GLN A 85 21.73 -9.36 4.96
C GLN A 85 22.57 -9.29 6.23
N SER A 86 23.37 -8.23 6.36
CA SER A 86 24.32 -8.16 7.48
C SER A 86 23.65 -7.85 8.82
N MET A 87 22.58 -7.04 8.83
CA MET A 87 21.87 -6.71 10.05
C MET A 87 20.59 -7.54 10.26
N ASN A 88 20.23 -8.40 9.32
N ASN A 88 20.22 -8.41 9.32
CA ASN A 88 19.04 -9.26 9.42
CA ASN A 88 19.03 -9.25 9.43
C ASN A 88 17.78 -8.42 9.60
C ASN A 88 17.77 -8.41 9.61
N VAL A 89 17.64 -7.39 8.77
CA VAL A 89 16.45 -6.54 8.76
C VAL A 89 15.90 -6.50 7.35
N VAL A 90 14.62 -6.12 7.23
CA VAL A 90 14.09 -5.63 5.96
C VAL A 90 14.36 -4.13 5.92
N ALA A 91 14.42 -3.56 4.72
CA ALA A 91 14.81 -2.17 4.59
C ALA A 91 14.13 -1.53 3.39
N THR A 92 13.87 -0.23 3.50
CA THR A 92 13.19 0.53 2.46
C THR A 92 13.75 1.94 2.43
N VAL A 93 13.88 2.50 1.23
CA VAL A 93 14.14 3.92 1.02
C VAL A 93 12.93 4.52 0.32
N PHE A 94 12.31 5.51 0.94
CA PHE A 94 11.13 6.19 0.39
C PHE A 94 11.53 7.49 -0.28
N ALA A 95 10.83 7.83 -1.35
CA ALA A 95 10.82 9.18 -1.89
C ALA A 95 9.60 9.92 -1.35
N LYS A 96 9.78 11.19 -1.00
CA LYS A 96 8.67 12.01 -0.51
C LYS A 96 8.10 12.81 -1.68
N ASN A 97 6.82 12.57 -1.99
CA ASN A 97 6.10 13.31 -3.01
C ASN A 97 4.89 13.97 -2.35
N GLY A 98 4.95 15.29 -2.18
CA GLY A 98 3.94 15.95 -1.37
C GLY A 98 4.15 15.57 0.08
N ASN A 99 3.09 15.08 0.71
CA ASN A 99 3.18 14.48 2.04
C ASN A 99 3.26 12.96 1.99
N ASP A 100 3.32 12.38 0.79
CA ASP A 100 3.32 10.94 0.62
C ASP A 100 4.73 10.40 0.50
N TYR A 101 4.90 9.14 0.91
CA TYR A 101 6.17 8.45 0.88
C TYR A 101 6.03 7.18 0.04
N ILE A 102 6.76 7.14 -1.08
CA ILE A 102 6.66 6.05 -2.05
C ILE A 102 7.92 5.19 -1.95
N ARG A 103 7.75 3.88 -1.82
CA ARG A 103 8.88 2.98 -1.74
C ARG A 103 9.65 2.96 -3.06
N THR A 104 10.92 3.38 -2.99
CA THR A 104 11.80 3.44 -4.16
C THR A 104 12.79 2.28 -4.19
N LEU A 105 13.52 2.06 -3.10
CA LEU A 105 14.33 0.87 -2.90
C LEU A 105 13.76 0.09 -1.73
N THR A 106 13.66 -1.23 -1.86
CA THR A 106 13.14 -2.02 -0.75
C THR A 106 13.57 -3.47 -0.90
N THR A 107 13.75 -4.13 0.25
CA THR A 107 13.92 -5.58 0.27
C THR A 107 12.64 -6.32 0.62
N ILE A 108 11.55 -5.60 0.92
CA ILE A 108 10.27 -6.25 1.15
C ILE A 108 9.70 -6.74 -0.18
N LYS A 109 9.22 -7.98 -0.19
CA LYS A 109 8.77 -8.61 -1.42
C LYS A 109 7.34 -9.10 -1.26
N ASP A 110 6.61 -9.14 -2.37
N ASP A 110 6.62 -9.13 -2.39
CA ASP A 110 5.27 -9.70 -2.33
CA ASP A 110 5.29 -9.69 -2.48
C ASP A 110 5.35 -11.20 -2.56
C ASP A 110 5.36 -11.22 -2.52
N ASP A 111 4.18 -11.86 -2.56
CA ASP A 111 4.14 -13.32 -2.73
C ASP A 111 4.80 -13.77 -4.03
N ASN A 112 4.70 -12.95 -5.08
N ASN A 112 4.70 -12.97 -5.10
CA ASN A 112 5.27 -13.25 -6.39
CA ASN A 112 5.30 -13.35 -6.37
C ASN A 112 6.78 -13.06 -6.42
C ASN A 112 6.79 -13.06 -6.42
N GLY A 113 7.39 -12.66 -5.31
CA GLY A 113 8.82 -12.42 -5.24
C GLY A 113 9.26 -11.05 -5.70
N GLU A 114 8.34 -10.20 -6.15
N GLU A 114 8.35 -10.20 -6.16
CA GLU A 114 8.67 -8.86 -6.60
CA GLU A 114 8.72 -8.86 -6.63
C GLU A 114 8.86 -7.92 -5.42
C GLU A 114 8.84 -7.91 -5.46
N ARG A 115 9.86 -7.04 -5.52
CA ARG A 115 10.01 -5.98 -4.52
C ARG A 115 8.82 -5.03 -4.61
N VAL A 116 8.40 -4.52 -3.44
CA VAL A 116 7.16 -3.74 -3.37
C VAL A 116 7.41 -2.28 -3.72
N VAL A 117 8.26 -2.04 -4.72
CA VAL A 117 8.50 -0.69 -5.20
C VAL A 117 7.20 -0.08 -5.73
N GLY A 118 6.96 1.18 -5.40
CA GLY A 118 5.79 1.89 -5.88
C GLY A 118 4.62 1.91 -4.91
N THR A 119 4.62 1.02 -3.93
CA THR A 119 3.65 1.11 -2.83
C THR A 119 4.00 2.30 -1.94
N ALA A 120 3.02 2.72 -1.13
CA ALA A 120 3.17 3.92 -0.31
C ALA A 120 3.11 3.60 1.17
N LEU A 121 3.73 4.48 1.97
CA LEU A 121 3.54 4.42 3.41
C LEU A 121 2.08 4.72 3.75
N ASP A 122 1.52 3.94 4.66
CA ASP A 122 0.12 4.11 5.06
C ASP A 122 -0.12 5.51 5.60
N SER A 123 -0.95 6.29 4.90
CA SER A 123 -1.19 7.68 5.28
C SER A 123 -2.03 7.82 6.54
N SER A 124 -2.61 6.72 7.05
CA SER A 124 -3.37 6.78 8.29
C SER A 124 -2.53 6.45 9.52
N GLY A 125 -1.27 6.08 9.34
CA GLY A 125 -0.47 5.61 10.45
C GLY A 125 0.31 6.72 11.13
N ASP A 126 0.76 6.43 12.35
CA ASP A 126 1.54 7.40 13.10
C ASP A 126 2.96 7.54 12.57
N ALA A 127 3.50 6.51 11.90
CA ALA A 127 4.82 6.66 11.31
C ALA A 127 4.81 7.75 10.24
N TYR A 128 3.76 7.75 9.41
CA TYR A 128 3.56 8.79 8.39
C TYR A 128 3.46 10.17 9.03
N ARG A 129 2.64 10.31 10.08
CA ARG A 129 2.52 11.60 10.76
C ARG A 129 3.86 12.03 11.36
N THR A 130 4.58 11.08 11.94
CA THR A 130 5.85 11.39 12.57
C THR A 130 6.86 11.92 11.55
N LEU A 131 6.98 11.23 10.42
CA LEU A 131 7.89 11.68 9.36
C LEU A 131 7.49 13.05 8.82
N ASN A 132 6.21 13.26 8.56
CA ASN A 132 5.78 14.57 8.08
C ASN A 132 6.02 15.66 9.11
N ALA A 133 6.06 15.33 10.38
CA ALA A 133 6.41 16.29 11.42
C ALA A 133 7.91 16.49 11.56
N GLY A 134 8.73 15.79 10.77
CA GLY A 134 10.17 15.91 10.85
C GLY A 134 10.83 15.04 11.90
N GLY A 135 10.11 14.08 12.48
CA GLY A 135 10.64 13.24 13.52
C GLY A 135 10.96 11.83 13.04
N THR A 136 11.52 11.05 13.96
CA THR A 136 11.77 9.64 13.73
C THR A 136 10.72 8.81 14.47
N TYR A 137 10.41 7.65 13.90
CA TYR A 137 9.43 6.70 14.44
C TYR A 137 10.12 5.37 14.68
N PHE A 138 10.10 4.93 15.93
CA PHE A 138 10.57 3.59 16.29
C PHE A 138 9.47 2.94 17.11
N GLY A 139 8.95 1.83 16.62
CA GLY A 139 7.87 1.13 17.28
C GLY A 139 7.25 0.14 16.31
N GLU A 140 6.18 -0.50 16.77
CA GLU A 140 5.47 -1.45 15.92
C GLU A 140 4.67 -0.73 14.85
N ALA A 141 4.59 -1.32 13.65
CA ALA A 141 3.73 -0.81 12.59
C ALA A 141 3.36 -1.94 11.64
N THR A 142 2.18 -1.79 11.03
CA THR A 142 1.77 -2.67 9.94
C THR A 142 2.39 -2.22 8.63
N ILE A 143 2.90 -3.19 7.87
CA ILE A 143 3.39 -2.94 6.52
C ILE A 143 2.77 -3.96 5.60
N LEU A 144 1.98 -3.50 4.64
CA LEU A 144 1.37 -4.36 3.62
C LEU A 144 0.74 -5.59 4.26
N GLY A 145 -0.05 -5.34 5.30
CA GLY A 145 -0.87 -6.37 5.91
C GLY A 145 -0.29 -7.08 7.11
N SER A 146 1.00 -6.95 7.40
CA SER A 146 1.62 -7.70 8.48
C SER A 146 2.37 -6.78 9.43
N ALA A 147 2.58 -7.26 10.66
CA ALA A 147 3.16 -6.46 11.73
C ALA A 147 4.68 -6.56 11.78
N TYR A 148 5.32 -5.42 11.99
CA TYR A 148 6.77 -5.31 12.09
C TYR A 148 7.15 -4.44 13.28
N MET A 149 8.36 -4.68 13.79
N MET A 149 8.35 -4.67 13.79
CA MET A 149 9.02 -3.67 14.62
CA MET A 149 9.04 -3.68 14.62
C MET A 149 9.86 -2.82 13.68
C MET A 149 9.85 -2.81 13.67
N THR A 150 9.69 -1.50 13.76
CA THR A 150 10.18 -0.60 12.73
C THR A 150 11.01 0.55 13.28
N GLY A 151 11.81 1.11 12.38
CA GLY A 151 12.43 2.40 12.54
C GLY A 151 12.31 3.18 11.23
N TYR A 152 11.70 4.36 11.28
CA TYR A 152 11.59 5.25 10.12
C TYR A 152 12.29 6.57 10.45
N VAL A 153 13.19 6.99 9.57
N VAL A 153 13.23 6.97 9.60
CA VAL A 153 14.00 8.19 9.77
CA VAL A 153 13.95 8.22 9.81
C VAL A 153 13.88 9.08 8.54
C VAL A 153 13.86 9.08 8.55
N PRO A 154 13.74 10.40 8.69
CA PRO A 154 13.74 11.27 7.50
C PRO A 154 15.04 11.16 6.72
N LEU A 155 14.92 11.37 5.41
CA LEU A 155 16.05 11.50 4.50
C LEU A 155 16.09 12.91 3.96
N LEU A 156 17.23 13.59 4.11
CA LEU A 156 17.37 15.00 3.77
C LEU A 156 18.32 15.18 2.60
N ASP A 157 18.09 16.24 1.82
CA ASP A 157 19.03 16.65 0.78
C ASP A 157 20.10 17.57 1.36
N ARG A 158 20.94 18.13 0.50
N ARG A 158 20.94 18.13 0.48
CA ARG A 158 22.05 18.97 0.95
CA ARG A 158 22.05 18.98 0.91
C ARG A 158 21.58 20.25 1.63
C ARG A 158 21.57 20.24 1.62
N THR A 159 20.37 20.71 1.34
CA THR A 159 19.87 21.93 1.95
C THR A 159 19.13 21.67 3.25
N GLY A 160 19.01 20.41 3.66
CA GLY A 160 18.28 20.04 4.86
C GLY A 160 16.80 19.81 4.65
N GLN A 161 16.34 19.85 3.40
N GLN A 161 16.35 19.83 3.39
CA GLN A 161 14.94 19.61 3.09
CA GLN A 161 14.95 19.61 3.08
C GLN A 161 14.66 18.11 3.03
C GLN A 161 14.65 18.12 2.99
N ALA A 162 13.52 17.71 3.58
CA ALA A 162 13.13 16.31 3.56
C ALA A 162 12.76 15.89 2.15
N ILE A 163 13.43 14.86 1.64
CA ILE A 163 13.15 14.31 0.32
C ILE A 163 12.67 12.87 0.38
N GLY A 164 12.58 12.29 1.57
CA GLY A 164 12.18 10.90 1.69
C GLY A 164 12.37 10.39 3.09
N ALA A 165 12.54 9.07 3.19
CA ALA A 165 12.70 8.45 4.49
C ALA A 165 13.46 7.14 4.32
N CYS A 166 14.20 6.76 5.35
CA CYS A 166 14.85 5.46 5.42
C CYS A 166 14.15 4.63 6.49
N PHE A 167 14.01 3.34 6.22
CA PHE A 167 13.30 2.42 7.09
C PHE A 167 14.09 1.12 7.23
N VAL A 168 14.08 0.57 8.43
CA VAL A 168 14.52 -0.79 8.70
C VAL A 168 13.46 -1.44 9.60
N GLY A 169 13.32 -2.76 9.47
CA GLY A 169 12.32 -3.45 10.27
C GLY A 169 12.66 -4.90 10.49
N VAL A 170 11.98 -5.49 11.48
CA VAL A 170 11.98 -6.92 11.71
C VAL A 170 10.52 -7.35 11.88
N SER A 171 10.10 -8.38 11.15
CA SER A 171 8.72 -8.80 11.26
C SER A 171 8.46 -9.40 12.64
N ILE A 172 7.24 -9.19 13.15
CA ILE A 172 6.84 -9.82 14.41
C ILE A 172 6.92 -11.33 14.30
N GLU A 173 6.62 -11.87 13.13
N GLU A 173 6.62 -11.88 13.13
CA GLU A 173 6.78 -13.30 12.85
CA GLU A 173 6.79 -13.32 12.89
C GLU A 173 8.21 -13.76 13.14
C GLU A 173 8.22 -13.75 13.16
N SER A 174 9.20 -12.99 12.66
CA SER A 174 10.60 -13.33 12.91
C SER A 174 10.94 -13.26 14.39
N VAL A 175 10.45 -12.23 15.08
CA VAL A 175 10.72 -12.09 16.51
C VAL A 175 10.14 -13.28 17.26
N ASN A 176 8.89 -13.64 16.98
CA ASN A 176 8.26 -14.77 17.64
C ASN A 176 8.99 -16.07 17.36
N ALA A 177 9.58 -16.21 16.17
CA ALA A 177 10.34 -17.40 15.85
C ALA A 177 11.58 -17.54 16.73
N ILE A 178 12.24 -16.42 17.03
CA ILE A 178 13.37 -16.43 17.95
C ILE A 178 12.92 -16.85 19.34
N LEU A 179 11.82 -16.27 19.80
CA LEU A 179 11.35 -16.51 21.18
C LEU A 179 10.92 -17.95 21.39
N ASN A 180 10.45 -18.64 20.34
CA ASN A 180 9.96 -20.00 20.47
C ASN A 180 11.12 -21.01 20.37
N VAL B 26 -11.72 -27.59 -19.19
CA VAL B 26 -12.99 -26.91 -19.45
C VAL B 26 -13.54 -26.27 -18.18
N THR B 27 -13.73 -27.09 -17.14
CA THR B 27 -14.37 -26.59 -15.92
C THR B 27 -13.53 -25.52 -15.24
N ASN B 28 -12.20 -25.62 -15.31
CA ASN B 28 -11.34 -24.59 -14.72
C ASN B 28 -11.52 -23.26 -15.45
N ASN B 29 -11.53 -23.29 -16.78
CA ASN B 29 -11.74 -22.07 -17.55
C ASN B 29 -13.14 -21.50 -17.32
N ILE B 30 -14.13 -22.37 -17.18
CA ILE B 30 -15.48 -21.90 -16.85
C ILE B 30 -15.47 -21.21 -15.50
N VAL B 31 -14.84 -21.83 -14.49
CA VAL B 31 -14.74 -21.22 -13.17
C VAL B 31 -14.09 -19.84 -13.26
N ASP B 32 -12.97 -19.76 -13.98
CA ASP B 32 -12.30 -18.48 -14.12
C ASP B 32 -13.23 -17.44 -14.75
N MET B 33 -13.94 -17.82 -15.80
N MET B 33 -13.95 -17.81 -15.81
CA MET B 33 -14.88 -16.89 -16.45
CA MET B 33 -14.87 -16.87 -16.42
C MET B 33 -16.00 -16.47 -15.50
C MET B 33 -15.96 -16.46 -15.44
N GLN B 34 -16.50 -17.41 -14.69
CA GLN B 34 -17.58 -17.10 -13.76
C GLN B 34 -17.12 -16.19 -12.63
N VAL B 35 -15.88 -16.36 -12.17
CA VAL B 35 -15.31 -15.44 -11.18
C VAL B 35 -15.26 -14.03 -11.75
N GLN B 36 -14.73 -13.89 -12.96
CA GLN B 36 -14.58 -12.56 -13.54
C GLN B 36 -15.93 -11.95 -13.90
N ASP B 37 -16.90 -12.76 -14.34
CA ASP B 37 -18.24 -12.24 -14.59
C ASP B 37 -18.90 -11.78 -13.30
N THR B 38 -18.65 -12.50 -12.21
CA THR B 38 -19.16 -12.07 -10.91
C THR B 38 -18.57 -10.72 -10.52
N LEU B 39 -17.27 -10.55 -10.74
CA LEU B 39 -16.63 -9.28 -10.40
C LEU B 39 -17.18 -8.15 -11.25
N LYS B 40 -17.50 -8.41 -12.53
CA LYS B 40 -18.11 -7.38 -13.36
C LYS B 40 -19.43 -6.90 -12.76
N GLY B 41 -20.30 -7.84 -12.39
CA GLY B 41 -21.55 -7.47 -11.75
C GLY B 41 -21.33 -6.76 -10.42
N ALA B 42 -20.40 -7.27 -9.60
CA ALA B 42 -20.18 -6.64 -8.31
C ALA B 42 -19.62 -5.22 -8.46
N ALA B 43 -18.73 -5.01 -9.43
CA ALA B 43 -18.17 -3.67 -9.61
C ALA B 43 -19.26 -2.68 -9.99
N ASN B 44 -20.15 -3.07 -10.90
CA ASN B 44 -21.30 -2.23 -11.23
C ASN B 44 -22.21 -2.03 -10.03
N MET B 45 -22.43 -3.09 -9.24
N MET B 45 -22.44 -3.10 -9.26
CA MET B 45 -23.27 -2.96 -8.06
CA MET B 45 -23.25 -2.99 -8.05
C MET B 45 -22.68 -1.98 -7.07
C MET B 45 -22.68 -1.98 -7.07
N LEU B 46 -21.35 -1.97 -6.91
CA LEU B 46 -20.73 -1.08 -5.94
C LEU B 46 -20.97 0.39 -6.30
N GLY B 47 -20.80 0.75 -7.57
CA GLY B 47 -21.09 2.10 -7.99
C GLY B 47 -22.53 2.48 -7.71
N LEU B 48 -23.46 1.53 -7.90
N LEU B 48 -23.45 1.53 -7.91
CA LEU B 48 -24.86 1.81 -7.63
CA LEU B 48 -24.85 1.79 -7.64
C LEU B 48 -25.15 1.89 -6.14
C LEU B 48 -25.12 1.92 -6.14
N TYR B 49 -24.49 1.05 -5.34
CA TYR B 49 -24.64 1.12 -3.89
C TYR B 49 -24.23 2.48 -3.35
N LEU B 50 -23.15 3.04 -3.91
CA LEU B 50 -22.70 4.37 -3.48
C LEU B 50 -23.73 5.44 -3.82
N GLU B 51 -24.36 5.33 -5.00
N GLU B 51 -24.37 5.33 -4.99
CA GLU B 51 -25.43 6.27 -5.35
CA GLU B 51 -25.42 6.27 -5.34
C GLU B 51 -26.61 6.14 -4.41
C GLU B 51 -26.61 6.14 -4.40
N GLU B 52 -26.96 4.91 -4.04
CA GLU B 52 -28.06 4.69 -3.11
C GLU B 52 -27.71 5.18 -1.71
N GLN B 53 -26.49 4.88 -1.25
CA GLN B 53 -26.08 5.23 0.10
C GLN B 53 -25.87 6.73 0.26
N PHE B 54 -25.12 7.33 -0.66
CA PHE B 54 -24.63 8.69 -0.48
C PHE B 54 -25.19 9.70 -1.46
N GLY B 55 -25.73 9.25 -2.59
CA GLY B 55 -26.04 10.16 -3.67
C GLY B 55 -24.77 10.49 -4.42
N PRO B 56 -24.79 11.57 -5.22
CA PRO B 56 -23.59 11.98 -5.95
C PRO B 56 -22.47 12.37 -4.99
N LEU B 57 -21.27 11.88 -5.29
CA LEU B 57 -20.10 12.12 -4.45
C LEU B 57 -19.22 13.21 -5.05
N SER B 58 -18.42 13.83 -4.18
CA SER B 58 -17.45 14.82 -4.59
C SER B 58 -16.28 14.79 -3.61
N LEU B 59 -15.26 15.59 -3.91
CA LEU B 59 -14.11 15.78 -3.04
C LEU B 59 -14.18 17.15 -2.39
N ASN B 60 -13.92 17.20 -1.09
CA ASN B 60 -13.83 18.50 -0.42
C ASN B 60 -12.41 19.04 -0.53
N VAL B 61 -12.18 20.21 0.08
CA VAL B 61 -10.89 20.87 0.00
C VAL B 61 -9.78 19.96 0.52
N ALA B 62 -10.06 19.23 1.60
CA ALA B 62 -9.06 18.34 2.19
C ALA B 62 -8.82 17.08 1.38
N GLY B 63 -9.52 16.88 0.27
CA GLY B 63 -9.32 15.69 -0.54
C GLY B 63 -10.06 14.47 -0.06
N ASN B 64 -11.13 14.64 0.72
CA ASN B 64 -11.93 13.54 1.19
C ASN B 64 -13.23 13.43 0.41
N LEU B 65 -13.65 12.18 0.18
CA LEU B 65 -14.92 11.94 -0.49
C LEU B 65 -16.08 12.33 0.42
N VAL B 66 -17.01 13.11 -0.11
CA VAL B 66 -18.14 13.63 0.65
C VAL B 66 -19.42 13.47 -0.17
N ASP B 67 -20.56 13.52 0.52
CA ASP B 67 -21.85 13.51 -0.15
C ASP B 67 -22.26 14.94 -0.51
N VAL B 68 -23.51 15.12 -0.92
CA VAL B 68 -23.98 16.45 -1.34
C VAL B 68 -23.87 17.45 -0.20
N ASP B 69 -24.15 17.01 1.02
CA ASP B 69 -24.12 17.89 2.17
C ASP B 69 -22.70 18.29 2.57
N GLY B 70 -21.68 17.68 1.98
CA GLY B 70 -20.32 17.84 2.44
C GLY B 70 -19.92 16.91 3.55
N ARG B 71 -20.76 15.91 3.86
CA ARG B 71 -20.46 14.95 4.91
C ARG B 71 -19.51 13.88 4.38
N PRO B 72 -18.37 13.65 5.02
CA PRO B 72 -17.46 12.61 4.54
C PRO B 72 -18.08 11.22 4.66
N ILE B 73 -17.69 10.33 3.75
CA ILE B 73 -18.21 8.96 3.74
C ILE B 73 -17.39 8.01 4.60
N GLU B 74 -16.24 8.44 5.13
N GLU B 74 -16.27 8.48 5.16
CA GLU B 74 -15.36 7.49 5.80
CA GLU B 74 -15.39 7.67 6.00
C GLU B 74 -16.01 6.92 7.05
C GLU B 74 -16.17 6.89 7.05
N GLY B 75 -15.75 5.64 7.29
CA GLY B 75 -16.35 4.87 8.35
C GLY B 75 -17.76 4.37 8.10
N GLU B 76 -18.34 4.63 6.93
CA GLU B 76 -19.72 4.24 6.63
C GLU B 76 -19.68 3.04 5.68
N ASN B 77 -19.38 1.87 6.26
CA ASN B 77 -19.05 0.67 5.51
C ASN B 77 -20.24 -0.27 5.32
N ASP B 78 -21.45 0.13 5.70
CA ASP B 78 -22.60 -0.78 5.69
C ASP B 78 -22.82 -1.41 4.31
N TYR B 79 -22.88 -0.59 3.27
CA TYR B 79 -23.19 -1.11 1.93
C TYR B 79 -22.05 -1.92 1.36
N ILE B 80 -20.81 -1.46 1.52
CA ILE B 80 -19.69 -2.21 0.97
C ILE B 80 -19.49 -3.52 1.72
N ASP B 81 -19.81 -3.55 3.02
CA ASP B 81 -19.76 -4.81 3.76
C ASP B 81 -20.86 -5.76 3.27
N ARG B 82 -22.05 -5.21 3.03
CA ARG B 82 -23.15 -6.04 2.56
CA ARG B 82 -23.16 -6.03 2.55
C ARG B 82 -22.85 -6.63 1.19
N LEU B 83 -22.25 -5.84 0.30
CA LEU B 83 -21.83 -6.36 -1.00
C LEU B 83 -20.79 -7.45 -0.83
N SER B 84 -19.79 -7.19 0.01
N SER B 84 -19.79 -7.19 0.01
CA SER B 84 -18.71 -8.16 0.22
CA SER B 84 -18.71 -8.16 0.22
C SER B 84 -19.25 -9.48 0.77
C SER B 84 -19.24 -9.47 0.79
N GLN B 85 -20.14 -9.40 1.76
CA GLN B 85 -20.67 -10.61 2.38
CA GLN B 85 -20.63 -10.63 2.37
C GLN B 85 -21.55 -11.40 1.42
N SER B 86 -22.44 -10.70 0.70
CA SER B 86 -23.40 -11.39 -0.14
C SER B 86 -22.74 -12.00 -1.37
N MET B 87 -21.69 -11.37 -1.92
CA MET B 87 -21.09 -11.84 -3.16
C MET B 87 -19.74 -12.53 -2.92
N ASN B 88 -19.28 -12.58 -1.67
N ASN B 88 -19.25 -12.56 -1.68
CA ASN B 88 -17.99 -13.17 -1.30
CA ASN B 88 -17.99 -13.20 -1.33
C ASN B 88 -16.85 -12.56 -2.10
C ASN B 88 -16.81 -12.56 -2.08
N VAL B 89 -16.80 -11.23 -2.10
CA VAL B 89 -15.71 -10.47 -2.71
C VAL B 89 -15.13 -9.54 -1.64
N VAL B 90 -13.91 -9.05 -1.89
CA VAL B 90 -13.42 -7.88 -1.18
C VAL B 90 -13.77 -6.65 -2.02
N ALA B 91 -13.88 -5.49 -1.37
CA ALA B 91 -14.28 -4.29 -2.09
C ALA B 91 -13.63 -3.07 -1.45
N THR B 92 -13.36 -2.07 -2.28
CA THR B 92 -12.69 -0.86 -1.86
C THR B 92 -13.27 0.33 -2.61
N VAL B 93 -13.43 1.45 -1.91
CA VAL B 93 -13.71 2.74 -2.54
C VAL B 93 -12.50 3.63 -2.30
N PHE B 94 -11.89 4.12 -3.38
CA PHE B 94 -10.72 4.99 -3.34
C PHE B 94 -11.12 6.45 -3.52
N ALA B 95 -10.39 7.34 -2.87
CA ALA B 95 -10.40 8.76 -3.17
C ALA B 95 -9.20 9.11 -4.04
N LYS B 96 -9.42 9.88 -5.08
CA LYS B 96 -8.32 10.31 -5.94
C LYS B 96 -7.77 11.64 -5.42
N ASN B 97 -6.50 11.63 -4.99
CA ASN B 97 -5.79 12.83 -4.55
C ASN B 97 -4.56 12.98 -5.43
N GLY B 98 -4.56 14.00 -6.27
CA GLY B 98 -3.54 14.08 -7.32
C GLY B 98 -3.76 12.97 -8.32
N ASN B 99 -2.69 12.21 -8.59
CA ASN B 99 -2.80 10.97 -9.36
C ASN B 99 -2.89 9.75 -8.46
N ASP B 100 -2.94 9.94 -7.14
CA ASP B 100 -2.94 8.83 -6.19
C ASP B 100 -4.35 8.42 -5.81
N TYR B 101 -4.49 7.17 -5.42
CA TYR B 101 -5.76 6.57 -5.03
C TYR B 101 -5.62 6.01 -3.63
N ILE B 102 -6.32 6.62 -2.67
CA ILE B 102 -6.23 6.28 -1.26
C ILE B 102 -7.47 5.51 -0.86
N ARG B 103 -7.27 4.38 -0.19
CA ARG B 103 -8.41 3.56 0.24
C ARG B 103 -9.19 4.29 1.33
N THR B 104 -10.46 4.59 1.05
CA THR B 104 -11.33 5.30 1.98
C THR B 104 -12.30 4.36 2.68
N LEU B 105 -12.98 3.52 1.92
CA LEU B 105 -13.79 2.43 2.44
C LEU B 105 -13.19 1.13 1.92
N THR B 106 -13.07 0.12 2.78
CA THR B 106 -12.55 -1.14 2.29
C THR B 106 -12.93 -2.27 3.23
N THR B 107 -13.10 -3.46 2.65
CA THR B 107 -13.26 -4.67 3.44
C THR B 107 -11.97 -5.48 3.53
N ILE B 108 -10.90 -5.04 2.86
CA ILE B 108 -9.62 -5.70 3.01
C ILE B 108 -9.03 -5.35 4.37
N LYS B 109 -8.54 -6.36 5.08
CA LYS B 109 -8.08 -6.19 6.46
C LYS B 109 -6.66 -6.69 6.59
N ASP B 110 -5.92 -6.12 7.54
N ASP B 110 -5.94 -6.11 7.56
CA ASP B 110 -4.56 -6.58 7.79
CA ASP B 110 -4.59 -6.50 7.91
C ASP B 110 -4.61 -7.71 8.82
C ASP B 110 -4.61 -7.78 8.75
N ASP B 111 -3.43 -8.23 9.19
CA ASP B 111 -3.36 -9.35 10.12
C ASP B 111 -4.01 -9.01 11.47
N ASN B 112 -4.02 -7.71 11.82
N ASN B 112 -4.00 -7.72 11.84
CA ASN B 112 -4.54 -7.27 13.14
CA ASN B 112 -4.53 -7.31 13.17
C ASN B 112 -6.06 -7.11 13.10
C ASN B 112 -6.05 -7.09 13.10
N GLY B 113 -6.66 -7.42 11.96
CA GLY B 113 -8.08 -7.25 11.81
C GLY B 113 -8.55 -5.87 11.39
N GLU B 114 -7.66 -4.91 11.24
CA GLU B 114 -8.05 -3.55 10.92
C GLU B 114 -8.21 -3.40 9.40
N ARG B 115 -9.19 -2.59 9.00
CA ARG B 115 -9.33 -2.27 7.58
C ARG B 115 -8.13 -1.45 7.11
N VAL B 116 -7.74 -1.66 5.85
CA VAL B 116 -6.53 -1.03 5.35
C VAL B 116 -6.83 0.37 4.81
N VAL B 117 -7.72 1.08 5.51
CA VAL B 117 -8.01 2.47 5.18
C VAL B 117 -6.72 3.29 5.28
N GLY B 118 -6.51 4.16 4.29
CA GLY B 118 -5.35 5.03 4.26
C GLY B 118 -4.19 4.51 3.43
N THR B 119 -4.17 3.22 3.10
CA THR B 119 -3.19 2.70 2.15
C THR B 119 -3.54 3.15 0.73
N ALA B 120 -2.56 3.08 -0.16
CA ALA B 120 -2.73 3.59 -1.51
C ALA B 120 -2.63 2.48 -2.56
N LEU B 121 -3.30 2.69 -3.68
CA LEU B 121 -3.10 1.86 -4.86
C LEU B 121 -1.63 1.93 -5.29
N ASP B 122 -1.07 0.76 -5.60
CA ASP B 122 0.33 0.68 -6.02
C ASP B 122 0.55 1.52 -7.28
N SER B 123 1.39 2.56 -7.16
CA SER B 123 1.61 3.51 -8.24
C SER B 123 2.49 2.95 -9.34
N SER B 124 3.08 1.77 -9.15
CA SER B 124 3.88 1.12 -10.17
C SER B 124 3.08 0.15 -11.03
N GLY B 125 1.80 -0.05 -10.71
CA GLY B 125 1.01 -1.07 -11.36
C GLY B 125 0.20 -0.55 -12.52
N ASP B 126 -0.22 -1.48 -13.39
CA ASP B 126 -1.04 -1.10 -14.54
C ASP B 126 -2.45 -0.70 -14.14
N ALA B 127 -2.97 -1.17 -13.01
CA ALA B 127 -4.29 -0.71 -12.58
C ALA B 127 -4.28 0.78 -12.32
N TYR B 128 -3.25 1.25 -11.63
CA TYR B 128 -3.05 2.68 -11.37
C TYR B 128 -2.99 3.47 -12.68
N ARG B 129 -2.16 3.01 -13.63
CA ARG B 129 -2.08 3.67 -14.93
C ARG B 129 -3.43 3.68 -15.63
N THR B 130 -4.13 2.56 -15.58
CA THR B 130 -5.41 2.45 -16.28
C THR B 130 -6.40 3.48 -15.73
N LEU B 131 -6.54 3.54 -14.41
CA LEU B 131 -7.47 4.48 -13.80
C LEU B 131 -7.10 5.93 -14.15
N ASN B 132 -5.81 6.26 -14.10
CA ASN B 132 -5.39 7.61 -14.44
C ASN B 132 -5.64 7.93 -15.91
N ALA B 133 -5.67 6.93 -16.78
CA ALA B 133 -6.01 7.14 -18.18
C ALA B 133 -7.51 7.21 -18.43
N GLY B 134 -8.32 7.07 -17.37
CA GLY B 134 -9.76 7.09 -17.51
C GLY B 134 -10.41 5.76 -17.82
N GLY B 135 -9.64 4.66 -17.76
CA GLY B 135 -10.15 3.36 -18.13
C GLY B 135 -10.51 2.50 -16.94
N THR B 136 -11.07 1.33 -17.24
CA THR B 136 -11.35 0.30 -16.25
C THR B 136 -10.32 -0.82 -16.40
N TYR B 137 -10.01 -1.45 -15.27
CA TYR B 137 -9.02 -2.53 -15.21
C TYR B 137 -9.70 -3.76 -14.67
N PHE B 138 -9.67 -4.84 -15.45
CA PHE B 138 -10.14 -6.15 -15.00
C PHE B 138 -9.06 -7.16 -15.32
N GLY B 139 -8.57 -7.83 -14.29
CA GLY B 139 -7.47 -8.76 -14.43
C GLY B 139 -6.81 -8.97 -13.08
N GLU B 140 -5.75 -9.77 -13.11
CA GLU B 140 -5.03 -10.05 -11.88
C GLU B 140 -4.20 -8.84 -11.45
N ALA B 141 -4.07 -8.65 -10.13
CA ALA B 141 -3.19 -7.63 -9.59
C ALA B 141 -2.79 -8.03 -8.18
N THR B 142 -1.64 -7.51 -7.74
CA THR B 142 -1.21 -7.66 -6.35
C THR B 142 -1.86 -6.57 -5.52
N ILE B 143 -2.35 -6.94 -4.33
CA ILE B 143 -2.82 -6.00 -3.33
C ILE B 143 -2.18 -6.36 -2.01
N LEU B 144 -1.39 -5.43 -1.47
CA LEU B 144 -0.78 -5.58 -0.15
C LEU B 144 -0.11 -6.96 0.00
N GLY B 145 0.63 -7.36 -1.03
CA GLY B 145 1.50 -8.51 -0.96
C GLY B 145 0.97 -9.79 -1.57
N SER B 146 -0.31 -9.87 -1.92
CA SER B 146 -0.89 -11.13 -2.38
C SER B 146 -1.67 -10.90 -3.66
N ALA B 147 -1.88 -11.99 -4.41
CA ALA B 147 -2.48 -11.93 -5.74
C ALA B 147 -4.00 -11.98 -5.66
N TYR B 148 -4.65 -11.14 -6.46
CA TYR B 148 -6.11 -11.14 -6.56
C TYR B 148 -6.55 -11.06 -8.01
N MET B 149 -7.76 -11.56 -8.26
CA MET B 149 -8.50 -11.22 -9.47
CA MET B 149 -8.50 -11.22 -9.47
C MET B 149 -9.33 -9.97 -9.16
N THR B 150 -9.22 -8.96 -10.01
CA THR B 150 -9.70 -7.63 -9.65
C THR B 150 -10.51 -6.97 -10.76
N GLY B 151 -11.28 -5.97 -10.34
CA GLY B 151 -11.90 -4.99 -11.21
C GLY B 151 -11.79 -3.62 -10.56
N TYR B 152 -11.21 -2.65 -11.27
CA TYR B 152 -11.12 -1.27 -10.83
C TYR B 152 -11.86 -0.39 -11.81
N VAL B 153 -12.79 0.41 -11.32
CA VAL B 153 -13.63 1.26 -12.15
C VAL B 153 -13.53 2.71 -11.66
N PRO B 154 -13.31 3.68 -12.54
CA PRO B 154 -13.28 5.08 -12.10
C PRO B 154 -14.58 5.50 -11.42
N LEU B 155 -14.45 6.40 -10.46
CA LEU B 155 -15.59 7.03 -9.82
C LEU B 155 -15.60 8.50 -10.23
N LEU B 156 -16.74 8.97 -10.74
CA LEU B 156 -16.86 10.32 -11.26
C LEU B 156 -17.86 11.12 -10.44
N ASP B 157 -17.64 12.44 -10.39
CA ASP B 157 -18.62 13.35 -9.80
C ASP B 157 -19.66 13.72 -10.86
N ARG B 158 -20.59 14.62 -10.49
N ARG B 158 -20.60 14.60 -10.48
CA ARG B 158 -21.67 14.99 -11.39
CA ARG B 158 -21.66 14.99 -11.40
C ARG B 158 -21.15 15.67 -12.66
C ARG B 158 -21.13 15.64 -12.67
N THR B 159 -20.00 16.34 -12.58
CA THR B 159 -19.42 17.03 -13.73
C THR B 159 -18.63 16.11 -14.65
N GLY B 160 -18.51 14.83 -14.30
CA GLY B 160 -17.71 13.90 -15.09
C GLY B 160 -16.24 13.85 -14.70
N GLN B 161 -15.83 14.57 -13.67
N GLN B 161 -15.83 14.57 -13.67
CA GLN B 161 -14.44 14.57 -13.24
CA GLN B 161 -14.46 14.57 -13.20
C GLN B 161 -14.17 13.37 -12.34
C GLN B 161 -14.19 13.34 -12.35
N ALA B 162 -13.01 12.76 -12.53
CA ALA B 162 -12.62 11.59 -11.74
C ALA B 162 -12.28 12.02 -10.31
N ILE B 163 -12.97 11.44 -9.34
CA ILE B 163 -12.76 11.72 -7.92
C ILE B 163 -12.28 10.50 -7.15
N GLY B 164 -12.22 9.34 -7.78
CA GLY B 164 -11.84 8.14 -7.05
C GLY B 164 -11.96 6.91 -7.93
N ALA B 165 -12.21 5.77 -7.28
CA ALA B 165 -12.36 4.51 -8.00
C ALA B 165 -13.10 3.52 -7.13
N CYS B 166 -13.80 2.59 -7.76
CA CYS B 166 -14.42 1.45 -7.08
C CYS B 166 -13.68 0.17 -7.46
N PHE B 167 -13.50 -0.71 -6.47
CA PHE B 167 -12.81 -1.96 -6.69
C PHE B 167 -13.59 -3.11 -6.07
N VAL B 168 -13.60 -4.24 -6.76
CA VAL B 168 -14.04 -5.51 -6.19
C VAL B 168 -13.03 -6.56 -6.60
N GLY B 169 -12.90 -7.60 -5.80
CA GLY B 169 -11.88 -8.59 -6.10
C GLY B 169 -12.08 -9.86 -5.30
N VAL B 170 -11.31 -10.87 -5.69
N VAL B 170 -11.35 -10.88 -5.70
CA VAL B 170 -11.27 -12.17 -5.02
CA VAL B 170 -11.25 -12.11 -4.93
C VAL B 170 -9.83 -12.66 -5.04
C VAL B 170 -9.80 -12.56 -5.00
N SER B 171 -9.33 -13.13 -3.90
CA SER B 171 -7.96 -13.60 -3.84
C SER B 171 -7.77 -14.81 -4.75
N ILE B 172 -6.59 -14.92 -5.35
CA ILE B 172 -6.28 -16.12 -6.13
C ILE B 172 -6.36 -17.35 -5.23
N GLU B 173 -5.96 -17.19 -3.96
N GLU B 173 -5.99 -17.20 -3.96
CA GLU B 173 -6.12 -18.25 -2.98
CA GLU B 173 -6.12 -18.28 -3.00
C GLU B 173 -7.56 -18.75 -2.91
C GLU B 173 -7.56 -18.76 -2.89
N SER B 174 -8.52 -17.83 -2.92
CA SER B 174 -9.93 -18.21 -2.89
C SER B 174 -10.36 -18.90 -4.18
N VAL B 175 -9.83 -18.44 -5.32
CA VAL B 175 -10.20 -19.07 -6.58
C VAL B 175 -9.66 -20.50 -6.64
N ASN B 176 -8.41 -20.70 -6.21
CA ASN B 176 -7.86 -22.05 -6.15
C ASN B 176 -8.67 -22.94 -5.21
N ALA B 177 -9.21 -22.37 -4.12
CA ALA B 177 -10.02 -23.15 -3.20
C ALA B 177 -11.29 -23.66 -3.87
N ILE B 178 -11.93 -22.83 -4.71
CA ILE B 178 -13.12 -23.27 -5.42
CA ILE B 178 -13.11 -23.26 -5.43
C ILE B 178 -12.79 -24.47 -6.30
N LEU B 179 -11.69 -24.38 -7.03
CA LEU B 179 -11.26 -25.45 -7.94
C LEU B 179 -10.97 -26.75 -7.21
N ASN B 180 -10.79 -26.72 -5.89
CA ASN B 180 -10.45 -27.90 -5.13
C ASN B 180 -11.50 -28.33 -4.10
N GLU B 181 -12.49 -27.49 -3.79
CA GLU B 181 -13.52 -27.88 -2.83
C GLU B 181 -14.32 -29.07 -3.35
N GLY B 182 -14.91 -28.93 -4.54
CA GLY B 182 -15.63 -30.02 -5.15
C GLY B 182 -14.69 -31.05 -5.74
#